data_1CSB
#
_entry.id   1CSB
#
_cell.length_a   86.510
_cell.length_b   34.150
_cell.length_c   85.530
_cell.angle_alpha   90.00
_cell.angle_beta   103.10
_cell.angle_gamma   90.00
#
_symmetry.space_group_name_H-M   'P 1 21 1'
#
loop_
_entity.id
_entity.type
_entity.pdbx_description
1 polymer 'CATHEPSIN B light chain'
2 polymer 'CATHEPSIN B heavy chain'
3 non-polymer N-[(3R)-4-ethoxy-3-hydroxy-4-oxobutanoyl]-L-isoleucyl-L-proline
4 water water
#
loop_
_entity_poly.entity_id
_entity_poly.type
_entity_poly.pdbx_seq_one_letter_code
_entity_poly.pdbx_strand_id
1 'polypeptide(L)' LPASFDAREQWPQCPTIKEIRDQGSCGSCWAFGAVEAISDRICIHTN A,D
2 'polypeptide(L)'
;VSVEVSAEDLLTCCGSMCGDGCNGGYPAEAWNFWTRKGLVSGGLYESHVGCRPYSIPPCEHHVNGSRPPCTGEGDTPKCS
KICEPGYSPTYKQDKHYGYNSYSVSNSEKDIMAEIYKNGPVEGAFSVYSDFLLYKSGVYQHVTGEMMGGHAIRILGWGVE
NGTPYWLVANSWNTDWGDNGFFKILRGQDHCGIESEVVAGIPRTD
;
B,E
#
loop_
_chem_comp.id
_chem_comp.type
_chem_comp.name
_chem_comp.formula
EP0 non-polymer N-[(3R)-4-ethoxy-3-hydroxy-4-oxobutanoyl]-L-isoleucyl-L-proline 'C17 H28 N2 O7'
#
# COMPACT_ATOMS: atom_id res chain seq x y z
N LEU A 1 -28.77 -37.73 9.07
CA LEU A 1 -28.46 -36.27 9.16
C LEU A 1 -29.57 -35.43 8.53
N PRO A 2 -29.82 -34.24 9.09
CA PRO A 2 -30.87 -33.38 8.54
C PRO A 2 -30.46 -32.94 7.14
N ALA A 3 -31.43 -32.62 6.31
CA ALA A 3 -31.15 -32.21 4.93
C ALA A 3 -30.47 -30.84 4.86
N SER A 4 -30.56 -30.09 5.95
CA SER A 4 -29.97 -28.76 6.04
C SER A 4 -29.40 -28.54 7.44
N PHE A 5 -28.34 -27.75 7.52
CA PHE A 5 -27.68 -27.42 8.77
C PHE A 5 -26.97 -26.09 8.49
N ASP A 6 -26.98 -25.24 9.50
CA ASP A 6 -26.36 -23.93 9.47
C ASP A 6 -25.99 -23.79 10.95
N ALA A 7 -24.68 -23.80 11.21
CA ALA A 7 -24.14 -23.71 12.57
C ALA A 7 -24.54 -22.44 13.29
N ARG A 8 -24.89 -21.41 12.51
CA ARG A 8 -25.30 -20.11 13.06
C ARG A 8 -26.60 -20.25 13.82
N GLU A 9 -27.39 -21.25 13.43
CA GLU A 9 -28.65 -21.56 14.08
C GLU A 9 -28.50 -22.61 15.18
N GLN A 10 -27.73 -23.66 14.91
CA GLN A 10 -27.52 -24.69 15.89
C GLN A 10 -26.83 -24.15 17.15
N TRP A 11 -26.00 -23.10 16.98
CA TRP A 11 -25.27 -22.47 18.09
C TRP A 11 -25.30 -20.94 18.12
N PRO A 12 -26.48 -20.34 18.40
CA PRO A 12 -26.61 -18.87 18.45
C PRO A 12 -25.80 -18.25 19.56
N GLN A 13 -25.47 -19.06 20.56
CA GLN A 13 -24.68 -18.63 21.69
C GLN A 13 -23.21 -18.38 21.35
N CYS A 14 -22.83 -18.69 20.11
CA CYS A 14 -21.48 -18.50 19.63
C CYS A 14 -21.47 -17.46 18.49
N PRO A 15 -21.28 -16.18 18.86
CA PRO A 15 -21.27 -15.08 17.90
C PRO A 15 -20.31 -15.21 16.74
N THR A 16 -19.13 -15.77 16.99
CA THR A 16 -18.08 -15.93 15.98
C THR A 16 -18.50 -16.69 14.74
N ILE A 17 -19.48 -17.59 14.89
CA ILE A 17 -19.94 -18.40 13.76
C ILE A 17 -20.55 -17.53 12.68
N LYS A 18 -21.20 -16.45 13.09
CA LYS A 18 -21.80 -15.53 12.16
C LYS A 18 -20.79 -14.49 11.65
N GLU A 19 -19.68 -14.35 12.38
CA GLU A 19 -18.64 -13.39 12.04
C GLU A 19 -17.75 -13.62 10.81
N ILE A 20 -17.68 -12.61 9.95
CA ILE A 20 -16.86 -12.64 8.73
C ILE A 20 -15.65 -11.71 8.91
N ARG A 21 -14.48 -12.19 8.49
CA ARG A 21 -13.25 -11.41 8.59
C ARG A 21 -12.74 -10.95 7.20
N ASP A 22 -11.66 -10.17 7.24
CA ASP A 22 -11.06 -9.66 6.00
C ASP A 22 -9.55 -9.89 6.06
N GLN A 23 -9.04 -10.75 5.18
CA GLN A 23 -7.62 -11.07 5.12
C GLN A 23 -6.74 -9.92 4.60
N GLY A 24 -7.37 -8.98 3.89
CA GLY A 24 -6.63 -7.85 3.34
C GLY A 24 -5.86 -8.26 2.11
N SER A 25 -4.84 -7.47 1.76
CA SER A 25 -3.98 -7.77 0.62
C SER A 25 -2.83 -8.66 1.14
N CYS A 26 -3.16 -9.92 1.35
CA CYS A 26 -2.23 -10.92 1.91
C CYS A 26 -2.81 -12.32 1.69
N GLY A 27 -1.99 -13.26 1.22
CA GLY A 27 -2.46 -14.61 0.96
C GLY A 27 -2.51 -15.47 2.20
N SER A 28 -3.23 -14.99 3.20
CA SER A 28 -3.34 -15.68 4.48
C SER A 28 -4.64 -16.47 4.65
N CYS A 29 -5.42 -16.62 3.58
CA CYS A 29 -6.66 -17.39 3.66
C CYS A 29 -6.46 -18.74 4.41
N TRP A 30 -5.26 -19.30 4.35
CA TRP A 30 -4.99 -20.57 5.02
C TRP A 30 -5.13 -20.48 6.53
N ALA A 31 -4.80 -19.31 7.07
CA ALA A 31 -4.84 -19.06 8.51
C ALA A 31 -6.23 -18.55 8.92
N PHE A 32 -6.92 -17.89 8.00
CA PHE A 32 -8.26 -17.38 8.28
C PHE A 32 -9.27 -18.51 8.45
N GLY A 33 -9.37 -19.45 7.50
CA GLY A 33 -10.26 -20.59 7.70
C GLY A 33 -10.03 -21.31 9.03
N ALA A 34 -8.76 -21.40 9.46
CA ALA A 34 -8.37 -22.04 10.71
C ALA A 34 -8.80 -21.32 11.99
N VAL A 35 -8.40 -20.07 12.20
CA VAL A 35 -8.76 -19.37 13.42
C VAL A 35 -10.28 -19.12 13.55
N GLU A 36 -10.97 -19.09 12.41
CA GLU A 36 -12.41 -18.88 12.43
C GLU A 36 -13.12 -20.11 12.96
N ALA A 37 -12.79 -21.26 12.39
CA ALA A 37 -13.37 -22.55 12.78
C ALA A 37 -12.96 -22.95 14.20
N ILE A 38 -11.80 -22.45 14.63
CA ILE A 38 -11.29 -22.72 15.96
C ILE A 38 -12.00 -21.85 17.00
N SER A 39 -12.37 -20.65 16.61
CA SER A 39 -13.10 -19.76 17.49
C SER A 39 -14.47 -20.40 17.72
N ASP A 40 -15.09 -20.85 16.65
CA ASP A 40 -16.40 -21.50 16.73
C ASP A 40 -16.36 -22.67 17.71
N ARG A 41 -15.49 -23.63 17.43
CA ARG A 41 -15.35 -24.84 18.22
C ARG A 41 -15.02 -24.65 19.71
N ILE A 42 -14.32 -23.57 20.03
CA ILE A 42 -13.98 -23.29 21.43
C ILE A 42 -15.27 -23.00 22.17
N CYS A 43 -16.16 -22.24 21.54
CA CYS A 43 -17.44 -21.91 22.12
C CYS A 43 -18.37 -23.14 22.18
N ILE A 44 -18.47 -23.83 21.06
CA ILE A 44 -19.30 -25.03 20.92
C ILE A 44 -18.96 -26.10 21.96
N HIS A 45 -17.68 -26.26 22.26
CA HIS A 45 -17.25 -27.27 23.22
C HIS A 45 -17.07 -26.75 24.64
N THR A 46 -17.53 -25.53 24.94
CA THR A 46 -17.36 -25.03 26.31
C THR A 46 -17.91 -23.66 26.75
N ASN A 47 -17.24 -22.57 26.37
CA ASN A 47 -17.67 -21.23 26.81
C ASN A 47 -18.57 -20.43 25.87
N VAL B 1 -21.21 -14.80 23.56
CA VAL B 1 -19.91 -14.16 23.23
C VAL B 1 -18.78 -15.06 23.72
N SER B 2 -17.76 -15.22 22.89
CA SER B 2 -16.63 -16.08 23.24
C SER B 2 -15.34 -15.56 22.61
N VAL B 3 -14.24 -16.28 22.85
CA VAL B 3 -12.92 -15.93 22.33
C VAL B 3 -12.73 -15.87 20.78
N GLU B 4 -12.29 -14.72 20.30
CA GLU B 4 -11.99 -14.52 18.89
C GLU B 4 -10.50 -14.83 18.77
N VAL B 5 -10.18 -15.92 18.07
CA VAL B 5 -8.81 -16.37 17.86
C VAL B 5 -8.12 -15.52 16.81
N SER B 6 -6.93 -15.07 17.17
CA SER B 6 -6.07 -14.20 16.41
C SER B 6 -5.43 -14.73 15.14
N ALA B 7 -5.93 -14.25 13.98
CA ALA B 7 -5.38 -14.59 12.66
C ALA B 7 -3.90 -14.12 12.65
N GLU B 8 -3.68 -12.93 13.21
CA GLU B 8 -2.34 -12.34 13.28
C GLU B 8 -1.33 -13.30 13.93
N ASP B 9 -1.64 -13.76 15.14
CA ASP B 9 -0.77 -14.66 15.87
C ASP B 9 -0.33 -15.92 15.10
N LEU B 10 -1.28 -16.58 14.44
CA LEU B 10 -0.98 -17.77 13.67
C LEU B 10 -0.20 -17.42 12.40
N LEU B 11 -0.71 -16.45 11.64
CA LEU B 11 -0.09 -16.02 10.39
C LEU B 11 1.39 -15.61 10.50
N THR B 12 1.72 -14.92 11.59
CA THR B 12 3.05 -14.36 11.85
C THR B 12 4.01 -15.20 12.68
N CYS B 13 3.47 -16.05 13.54
CA CYS B 13 4.31 -16.84 14.38
C CYS B 13 4.40 -18.29 14.04
N CYS B 14 3.59 -18.76 13.12
CA CYS B 14 3.74 -20.17 12.80
C CYS B 14 5.11 -20.47 12.16
N GLY B 15 5.39 -19.78 11.05
CA GLY B 15 6.65 -19.94 10.34
C GLY B 15 6.68 -21.00 9.25
N SER B 16 7.90 -21.47 8.95
CA SER B 16 8.17 -22.49 7.94
C SER B 16 7.19 -23.64 7.93
N MET B 17 6.94 -24.18 9.11
CA MET B 17 6.05 -25.31 9.28
C MET B 17 4.74 -25.05 8.55
N CYS B 18 4.18 -23.85 8.72
CA CYS B 18 2.92 -23.47 8.08
C CYS B 18 3.00 -23.00 6.63
N GLY B 19 4.20 -22.71 6.13
CA GLY B 19 4.33 -22.24 4.76
C GLY B 19 5.08 -20.92 4.73
N ASP B 20 4.62 -19.99 3.91
CA ASP B 20 5.29 -18.71 3.78
C ASP B 20 4.38 -17.51 4.06
N GLY B 21 3.78 -17.47 5.25
CA GLY B 21 2.91 -16.38 5.66
C GLY B 21 1.96 -15.78 4.60
N CYS B 22 2.13 -14.50 4.29
CA CYS B 22 1.28 -13.82 3.30
C CYS B 22 1.39 -14.35 1.89
N ASN B 23 2.27 -15.32 1.66
CA ASN B 23 2.39 -15.86 0.35
C ASN B 23 2.03 -17.32 0.20
N GLY B 24 1.13 -17.79 1.06
CA GLY B 24 0.70 -19.18 1.01
C GLY B 24 1.01 -19.98 2.25
N GLY B 25 0.21 -21.00 2.52
CA GLY B 25 0.42 -21.82 3.69
C GLY B 25 -0.37 -23.09 3.65
N TYR B 26 -0.14 -23.91 4.66
CA TYR B 26 -0.75 -25.23 4.86
C TYR B 26 -1.68 -25.24 6.08
N PRO B 27 -3.01 -25.35 5.87
CA PRO B 27 -4.02 -25.37 6.94
C PRO B 27 -3.83 -26.54 7.93
N ALA B 28 -3.45 -27.72 7.41
CA ALA B 28 -3.24 -28.89 8.26
C ALA B 28 -2.16 -28.55 9.29
N GLU B 29 -1.14 -27.82 8.83
CA GLU B 29 -0.02 -27.40 9.65
C GLU B 29 -0.48 -26.33 10.62
N ALA B 30 -1.43 -25.50 10.19
CA ALA B 30 -1.97 -24.43 11.01
C ALA B 30 -2.70 -25.02 12.22
N TRP B 31 -3.57 -26.00 11.98
CA TRP B 31 -4.30 -26.66 13.03
C TRP B 31 -3.34 -27.36 13.99
N ASN B 32 -2.25 -27.88 13.43
CA ASN B 32 -1.23 -28.56 14.21
C ASN B 32 -0.47 -27.58 15.13
N PHE B 33 -0.20 -26.38 14.62
CA PHE B 33 0.50 -25.40 15.43
C PHE B 33 -0.37 -25.09 16.65
N TRP B 34 -1.68 -24.97 16.44
CA TRP B 34 -2.66 -24.66 17.49
C TRP B 34 -2.59 -25.67 18.62
N THR B 35 -2.43 -26.94 18.27
CA THR B 35 -2.31 -27.99 19.25
C THR B 35 -0.99 -27.80 20.01
N ARG B 36 0.10 -27.63 19.27
CA ARG B 36 1.43 -27.48 19.88
C ARG B 36 1.70 -26.18 20.63
N LYS B 37 1.63 -25.07 19.91
CA LYS B 37 1.90 -23.74 20.45
C LYS B 37 0.71 -22.92 20.95
N GLY B 38 -0.50 -23.27 20.50
CA GLY B 38 -1.67 -22.53 20.95
C GLY B 38 -1.78 -21.19 20.23
N LEU B 39 -2.86 -20.48 20.50
CA LEU B 39 -3.12 -19.21 19.86
C LEU B 39 -3.81 -18.22 20.80
N VAL B 40 -3.44 -16.95 20.69
CA VAL B 40 -4.00 -15.92 21.53
C VAL B 40 -5.23 -15.29 20.88
N SER B 41 -5.88 -14.40 21.60
CA SER B 41 -7.07 -13.70 21.12
C SER B 41 -6.64 -12.59 20.20
N GLY B 42 -7.56 -12.06 19.42
CA GLY B 42 -7.19 -10.98 18.53
C GLY B 42 -8.31 -10.75 17.55
N GLY B 43 -8.79 -9.52 17.52
CA GLY B 43 -9.89 -9.16 16.65
C GLY B 43 -9.51 -8.68 15.26
N LEU B 44 -10.45 -7.91 14.70
CA LEU B 44 -10.33 -7.34 13.36
C LEU B 44 -9.42 -6.11 13.37
N TYR B 45 -9.04 -5.68 12.17
CA TYR B 45 -8.18 -4.52 12.00
C TYR B 45 -8.64 -3.26 12.74
N GLU B 46 -7.73 -2.68 13.52
CA GLU B 46 -7.98 -1.45 14.28
C GLU B 46 -9.06 -1.57 15.36
N SER B 47 -9.42 -2.80 15.75
CA SER B 47 -10.48 -2.99 16.73
C SER B 47 -10.01 -2.91 18.20
N HIS B 48 -8.74 -3.18 18.44
CA HIS B 48 -8.19 -3.21 19.78
C HIS B 48 -8.85 -4.27 20.64
N VAL B 49 -9.44 -5.29 20.01
CA VAL B 49 -10.02 -6.36 20.78
C VAL B 49 -9.09 -7.58 20.69
N GLY B 50 -8.79 -8.17 21.85
CA GLY B 50 -7.90 -9.32 21.85
C GLY B 50 -6.48 -8.93 22.20
N CYS B 51 -5.62 -9.93 22.15
CA CYS B 51 -4.20 -9.80 22.46
C CYS B 51 -3.49 -9.28 21.20
N ARG B 52 -3.80 -9.86 20.04
CA ARG B 52 -3.17 -9.47 18.79
C ARG B 52 -4.15 -9.29 17.63
N PRO B 53 -4.78 -8.10 17.52
CA PRO B 53 -5.73 -7.86 16.42
C PRO B 53 -4.99 -7.93 15.09
N TYR B 54 -5.73 -8.15 14.03
CA TYR B 54 -5.16 -8.22 12.69
C TYR B 54 -4.54 -6.85 12.36
N SER B 55 -3.37 -6.85 11.74
CA SER B 55 -2.70 -5.58 11.45
C SER B 55 -2.76 -5.13 10.00
N ILE B 56 -3.29 -5.97 9.13
CA ILE B 56 -3.38 -5.61 7.74
C ILE B 56 -4.79 -5.04 7.51
N PRO B 57 -4.87 -3.77 7.10
CA PRO B 57 -6.16 -3.11 6.84
C PRO B 57 -7.02 -3.82 5.83
N PRO B 58 -8.36 -3.66 5.94
CA PRO B 58 -9.26 -4.31 4.98
C PRO B 58 -9.25 -3.55 3.65
N CYS B 59 -9.89 -4.15 2.65
CA CYS B 59 -9.91 -3.57 1.33
C CYS B 59 -11.03 -4.23 0.52
N GLU B 60 -11.25 -3.71 -0.68
CA GLU B 60 -12.28 -4.21 -1.59
C GLU B 60 -11.73 -5.35 -2.38
N HIS B 61 -12.29 -6.52 -2.14
CA HIS B 61 -11.88 -7.72 -2.81
C HIS B 61 -12.71 -7.96 -4.05
N HIS B 62 -12.30 -7.36 -5.17
CA HIS B 62 -12.95 -7.56 -6.48
C HIS B 62 -14.37 -7.05 -6.59
N VAL B 63 -14.75 -6.13 -5.69
CA VAL B 63 -16.10 -5.54 -5.64
C VAL B 63 -15.91 -4.03 -5.48
N ASN B 64 -16.98 -3.25 -5.64
CA ASN B 64 -16.81 -1.82 -5.42
C ASN B 64 -17.41 -1.39 -4.09
N GLY B 65 -16.60 -0.66 -3.34
CA GLY B 65 -16.99 -0.17 -2.04
C GLY B 65 -16.18 1.08 -1.85
N SER B 66 -16.14 1.56 -0.61
CA SER B 66 -15.44 2.78 -0.26
C SER B 66 -14.00 2.56 0.19
N ARG B 67 -13.71 1.34 0.60
CA ARG B 67 -12.41 0.93 1.11
C ARG B 67 -11.40 0.86 -0.05
N PRO B 68 -10.10 1.08 0.25
CA PRO B 68 -9.08 1.02 -0.79
C PRO B 68 -9.10 -0.40 -1.34
N PRO B 69 -8.79 -0.56 -2.64
CA PRO B 69 -8.80 -1.92 -3.21
C PRO B 69 -7.66 -2.76 -2.67
N CYS B 70 -7.84 -4.07 -2.73
CA CYS B 70 -6.79 -4.96 -2.28
C CYS B 70 -5.71 -4.91 -3.32
N THR B 71 -4.47 -4.94 -2.85
CA THR B 71 -3.26 -4.87 -3.67
C THR B 71 -2.40 -6.14 -3.62
N GLY B 72 -2.94 -7.25 -4.09
CA GLY B 72 -2.20 -8.50 -4.10
C GLY B 72 -1.76 -8.94 -2.71
N GLU B 73 -0.51 -9.39 -2.60
CA GLU B 73 0.00 -9.84 -1.31
C GLU B 73 1.19 -9.01 -0.83
N GLY B 74 1.05 -8.43 0.35
CA GLY B 74 2.10 -7.60 0.90
C GLY B 74 3.07 -8.37 1.74
N ASP B 75 3.58 -7.70 2.77
CA ASP B 75 4.55 -8.29 3.67
C ASP B 75 3.88 -8.96 4.85
N THR B 76 4.34 -10.16 5.14
CA THR B 76 3.83 -10.91 6.26
C THR B 76 4.31 -10.09 7.47
N PRO B 77 3.39 -9.66 8.36
CA PRO B 77 3.85 -8.89 9.51
C PRO B 77 4.71 -9.80 10.38
N LYS B 78 5.52 -9.22 11.25
CA LYS B 78 6.40 -10.03 12.08
C LYS B 78 5.69 -10.68 13.27
N CYS B 79 6.37 -11.64 13.88
CA CYS B 79 5.84 -12.33 15.03
C CYS B 79 6.16 -11.59 16.32
N SER B 80 5.17 -10.92 16.91
CA SER B 80 5.41 -10.23 18.17
C SER B 80 4.74 -11.03 19.26
N LYS B 81 5.53 -11.66 20.10
CA LYS B 81 4.99 -12.45 21.17
C LYS B 81 4.67 -11.64 22.42
N ILE B 82 3.86 -10.61 22.22
CA ILE B 82 3.40 -9.71 23.26
C ILE B 82 2.00 -9.24 22.82
N CYS B 83 1.13 -8.95 23.77
CA CYS B 83 -0.23 -8.50 23.44
C CYS B 83 -0.22 -6.99 23.24
N GLU B 84 -1.29 -6.46 22.67
CA GLU B 84 -1.37 -5.02 22.46
C GLU B 84 -1.42 -4.31 23.80
N PRO B 85 -1.03 -3.03 23.85
CA PRO B 85 -1.08 -2.34 25.14
C PRO B 85 -2.52 -1.98 25.44
N GLY B 86 -2.92 -2.23 26.69
CA GLY B 86 -4.26 -1.98 27.13
C GLY B 86 -5.01 -3.30 27.26
N TYR B 87 -4.33 -4.41 26.97
CA TYR B 87 -4.94 -5.74 27.08
C TYR B 87 -4.27 -6.58 28.14
N SER B 88 -5.06 -7.38 28.86
CA SER B 88 -4.54 -8.27 29.91
C SER B 88 -5.28 -9.59 29.74
N PRO B 89 -4.70 -10.71 30.17
CA PRO B 89 -3.38 -10.78 30.81
C PRO B 89 -2.33 -10.93 29.71
N THR B 90 -1.20 -11.53 30.06
CA THR B 90 -0.12 -11.69 29.11
C THR B 90 -0.41 -12.68 27.97
N TYR B 91 0.45 -12.62 26.98
CA TYR B 91 0.40 -13.43 25.78
C TYR B 91 0.44 -14.96 26.14
N LYS B 92 1.36 -15.38 26.99
CA LYS B 92 1.48 -16.79 27.39
C LYS B 92 0.18 -17.25 28.07
N GLN B 93 -0.33 -16.42 28.98
CA GLN B 93 -1.57 -16.74 29.69
C GLN B 93 -2.73 -16.71 28.70
N ASP B 94 -2.64 -15.89 27.67
CA ASP B 94 -3.72 -15.77 26.70
C ASP B 94 -3.85 -16.89 25.64
N LYS B 95 -2.88 -17.81 25.59
CA LYS B 95 -2.90 -18.92 24.62
C LYS B 95 -4.03 -19.93 24.77
N HIS B 96 -4.58 -20.38 23.65
CA HIS B 96 -5.64 -21.39 23.67
C HIS B 96 -5.13 -22.54 22.80
N TYR B 97 -4.98 -23.72 23.39
CA TYR B 97 -4.46 -24.89 22.68
C TYR B 97 -5.48 -25.86 22.18
N GLY B 98 -5.17 -26.54 21.08
CA GLY B 98 -6.06 -27.53 20.53
C GLY B 98 -5.63 -28.86 21.07
N TYR B 99 -6.58 -29.74 21.29
CA TYR B 99 -6.32 -31.07 21.83
C TYR B 99 -5.71 -31.99 20.73
N ASN B 100 -6.27 -31.91 19.52
CA ASN B 100 -5.75 -32.67 18.39
C ASN B 100 -6.21 -32.04 17.08
N SER B 101 -5.65 -32.50 15.97
CA SER B 101 -6.05 -32.02 14.67
C SER B 101 -6.08 -33.26 13.78
N TYR B 102 -6.94 -33.25 12.78
CA TYR B 102 -7.07 -34.39 11.89
C TYR B 102 -7.76 -34.03 10.58
N SER B 103 -7.41 -34.76 9.54
CA SER B 103 -8.07 -34.51 8.27
C SER B 103 -9.42 -35.19 8.40
N VAL B 104 -10.38 -34.77 7.59
CA VAL B 104 -11.68 -35.36 7.60
C VAL B 104 -11.76 -36.07 6.26
N SER B 105 -12.29 -37.28 6.26
CA SER B 105 -12.41 -38.05 5.05
C SER B 105 -13.18 -37.30 3.92
N ASN B 106 -12.78 -37.60 2.69
CA ASN B 106 -13.38 -37.01 1.50
C ASN B 106 -14.76 -37.64 1.20
N SER B 107 -15.66 -37.57 2.17
CA SER B 107 -17.01 -38.09 1.97
C SER B 107 -17.88 -36.92 2.40
N GLU B 108 -18.82 -36.51 1.56
CA GLU B 108 -19.69 -35.40 1.95
C GLU B 108 -20.41 -35.78 3.26
N LYS B 109 -20.71 -37.07 3.38
CA LYS B 109 -21.38 -37.65 4.55
C LYS B 109 -20.49 -37.52 5.77
N ASP B 110 -19.19 -37.75 5.58
CA ASP B 110 -18.23 -37.63 6.67
C ASP B 110 -17.94 -36.18 6.99
N ILE B 111 -17.99 -35.29 6.01
CA ILE B 111 -17.72 -33.89 6.34
C ILE B 111 -18.96 -33.37 7.10
N MET B 112 -20.15 -33.70 6.61
CA MET B 112 -21.44 -33.32 7.22
C MET B 112 -21.54 -33.80 8.68
N ALA B 113 -21.17 -35.06 8.93
CA ALA B 113 -21.23 -35.57 10.28
C ALA B 113 -20.30 -34.75 11.19
N GLU B 114 -19.08 -34.51 10.73
CA GLU B 114 -18.06 -33.75 11.49
C GLU B 114 -18.54 -32.38 11.97
N ILE B 115 -19.07 -31.61 11.04
CA ILE B 115 -19.62 -30.29 11.32
C ILE B 115 -20.76 -30.43 12.36
N TYR B 116 -21.67 -31.35 12.10
CA TYR B 116 -22.80 -31.62 12.98
C TYR B 116 -22.39 -32.01 14.41
N LYS B 117 -21.37 -32.86 14.53
CA LYS B 117 -20.89 -33.32 15.83
C LYS B 117 -19.99 -32.33 16.56
N ASN B 118 -19.05 -31.78 15.81
CA ASN B 118 -18.05 -30.89 16.37
C ASN B 118 -18.03 -29.41 15.97
N GLY B 119 -18.74 -29.00 14.93
CA GLY B 119 -18.73 -27.60 14.54
C GLY B 119 -18.09 -27.39 13.17
N PRO B 120 -17.96 -26.13 12.70
CA PRO B 120 -17.39 -25.71 11.42
C PRO B 120 -15.98 -26.23 11.18
N VAL B 121 -15.70 -26.57 9.94
CA VAL B 121 -14.38 -27.08 9.58
C VAL B 121 -13.73 -26.13 8.56
N GLU B 122 -12.44 -26.34 8.32
CA GLU B 122 -11.72 -25.58 7.33
C GLU B 122 -11.49 -26.53 6.17
N GLY B 123 -11.58 -26.02 4.96
CA GLY B 123 -11.36 -26.83 3.77
C GLY B 123 -10.67 -25.94 2.74
N ALA B 124 -10.40 -26.45 1.55
CA ALA B 124 -9.75 -25.65 0.50
C ALA B 124 -10.35 -26.02 -0.86
N PHE B 125 -10.40 -25.07 -1.76
CA PHE B 125 -10.92 -25.34 -3.11
C PHE B 125 -10.21 -24.47 -4.15
N SER B 126 -10.36 -24.83 -5.42
CA SER B 126 -9.73 -24.10 -6.50
C SER B 126 -10.59 -23.00 -7.05
N VAL B 127 -10.07 -21.78 -6.92
CA VAL B 127 -10.73 -20.59 -7.40
C VAL B 127 -10.50 -20.38 -8.90
N TYR B 128 -11.59 -20.31 -9.66
CA TYR B 128 -11.58 -20.04 -11.10
C TYR B 128 -12.01 -18.59 -11.26
N SER B 129 -11.73 -18.01 -12.41
CA SER B 129 -12.10 -16.62 -12.72
C SER B 129 -13.55 -16.29 -12.40
N ASP B 130 -14.47 -17.21 -12.73
CA ASP B 130 -15.89 -16.96 -12.53
C ASP B 130 -16.37 -16.92 -11.07
N PHE B 131 -15.51 -17.36 -10.14
CA PHE B 131 -15.86 -17.32 -8.73
C PHE B 131 -15.90 -15.89 -8.18
N LEU B 132 -14.94 -15.05 -8.61
CA LEU B 132 -14.83 -13.65 -8.16
C LEU B 132 -16.12 -12.86 -8.24
N LEU B 133 -16.84 -13.12 -9.34
CA LEU B 133 -18.11 -12.50 -9.67
C LEU B 133 -19.32 -13.03 -8.88
N TYR B 134 -19.10 -13.80 -7.82
CA TYR B 134 -20.20 -14.35 -7.06
C TYR B 134 -20.95 -13.35 -6.19
N LYS B 135 -22.27 -13.35 -6.34
CA LYS B 135 -23.17 -12.49 -5.58
C LYS B 135 -24.12 -13.30 -4.66
N SER B 136 -24.72 -14.37 -5.20
CA SER B 136 -25.64 -15.20 -4.44
C SER B 136 -26.00 -16.50 -5.18
N GLY B 137 -26.75 -17.39 -4.53
CA GLY B 137 -27.12 -18.64 -5.16
C GLY B 137 -26.11 -19.71 -4.80
N VAL B 138 -25.95 -20.69 -5.66
CA VAL B 138 -24.99 -21.76 -5.40
C VAL B 138 -23.91 -21.67 -6.46
N TYR B 139 -22.66 -21.51 -6.05
CA TYR B 139 -21.58 -21.45 -7.00
C TYR B 139 -21.27 -22.79 -7.64
N GLN B 140 -21.07 -22.75 -8.95
CA GLN B 140 -20.70 -23.89 -9.76
C GLN B 140 -19.84 -23.37 -10.91
N HIS B 141 -18.56 -23.71 -10.86
CA HIS B 141 -17.60 -23.32 -11.89
C HIS B 141 -18.03 -23.77 -13.30
N VAL B 142 -17.98 -22.81 -14.21
CA VAL B 142 -18.35 -23.04 -15.59
C VAL B 142 -17.19 -22.59 -16.47
N THR B 143 -16.92 -21.29 -16.42
CA THR B 143 -15.88 -20.68 -17.24
C THR B 143 -14.75 -20.10 -16.38
N GLY B 144 -13.68 -19.66 -17.04
CA GLY B 144 -12.59 -19.03 -16.31
C GLY B 144 -11.30 -19.81 -16.34
N GLU B 145 -10.22 -19.19 -15.86
CA GLU B 145 -8.89 -19.83 -15.79
C GLU B 145 -8.54 -20.07 -14.32
N MET B 146 -7.89 -21.19 -14.04
CA MET B 146 -7.48 -21.57 -12.69
C MET B 146 -6.69 -20.42 -12.10
N MET B 147 -7.04 -20.02 -10.88
CA MET B 147 -6.36 -18.91 -10.23
C MET B 147 -5.50 -19.32 -9.04
N GLY B 148 -5.89 -20.39 -8.35
CA GLY B 148 -5.11 -20.81 -7.20
C GLY B 148 -6.01 -21.34 -6.11
N GLY B 149 -5.40 -21.88 -5.06
CA GLY B 149 -6.17 -22.45 -3.98
C GLY B 149 -6.71 -21.41 -3.02
N HIS B 150 -7.77 -21.77 -2.31
CA HIS B 150 -8.36 -20.88 -1.37
C HIS B 150 -8.88 -21.64 -0.17
N ALA B 151 -8.38 -21.29 1.02
CA ALA B 151 -8.77 -21.95 2.27
C ALA B 151 -9.94 -21.18 2.90
N ILE B 152 -10.99 -21.92 3.23
CA ILE B 152 -12.20 -21.35 3.80
C ILE B 152 -12.77 -22.13 5.00
N ARG B 153 -13.86 -21.62 5.57
CA ARG B 153 -14.54 -22.26 6.70
C ARG B 153 -15.95 -22.76 6.28
N ILE B 154 -16.13 -24.08 6.29
CA ILE B 154 -17.42 -24.67 5.94
C ILE B 154 -18.21 -24.80 7.22
N LEU B 155 -19.42 -24.22 7.24
CA LEU B 155 -20.26 -24.24 8.44
C LEU B 155 -21.68 -24.80 8.31
N GLY B 156 -21.98 -25.46 7.19
CA GLY B 156 -23.30 -26.03 7.01
C GLY B 156 -23.57 -26.54 5.61
N TRP B 157 -24.83 -26.86 5.33
CA TRP B 157 -25.20 -27.38 4.02
C TRP B 157 -26.71 -27.28 3.82
N GLY B 158 -27.16 -27.51 2.60
CA GLY B 158 -28.58 -27.46 2.34
C GLY B 158 -28.81 -27.72 0.88
N VAL B 159 -30.02 -27.43 0.43
CA VAL B 159 -30.38 -27.60 -0.96
C VAL B 159 -31.17 -26.38 -1.43
N GLU B 160 -30.74 -25.79 -2.53
CA GLU B 160 -31.43 -24.64 -3.10
C GLU B 160 -31.82 -25.08 -4.51
N ASN B 161 -33.13 -25.16 -4.75
CA ASN B 161 -33.69 -25.59 -6.03
C ASN B 161 -32.98 -26.80 -6.63
N GLY B 162 -33.11 -27.91 -5.93
CA GLY B 162 -32.53 -29.16 -6.37
C GLY B 162 -31.03 -29.26 -6.33
N THR B 163 -30.35 -28.12 -6.17
CA THR B 163 -28.91 -28.05 -6.12
C THR B 163 -28.34 -28.11 -4.70
N PRO B 164 -27.64 -29.20 -4.36
CA PRO B 164 -27.03 -29.38 -3.03
C PRO B 164 -25.82 -28.46 -2.91
N TYR B 165 -25.51 -28.03 -1.70
CA TYR B 165 -24.40 -27.11 -1.53
C TYR B 165 -23.81 -27.16 -0.14
N TRP B 166 -22.70 -26.44 0.03
CA TRP B 166 -22.03 -26.29 1.31
C TRP B 166 -22.17 -24.81 1.64
N LEU B 167 -22.47 -24.49 2.90
CA LEU B 167 -22.55 -23.09 3.30
C LEU B 167 -21.11 -22.81 3.69
N VAL B 168 -20.52 -21.80 3.05
CA VAL B 168 -19.11 -21.47 3.26
C VAL B 168 -18.86 -19.99 3.58
N ALA B 169 -17.90 -19.73 4.46
CA ALA B 169 -17.60 -18.36 4.83
C ALA B 169 -16.27 -18.01 4.21
N ASN B 170 -16.20 -16.88 3.51
CA ASN B 170 -14.97 -16.40 2.89
C ASN B 170 -14.39 -15.34 3.84
N SER B 171 -13.18 -14.85 3.57
CA SER B 171 -12.58 -13.80 4.42
C SER B 171 -12.27 -12.55 3.57
N TRP B 172 -13.23 -12.19 2.74
CA TRP B 172 -13.12 -11.06 1.84
C TRP B 172 -14.06 -9.94 2.28
N ASN B 173 -14.31 -9.85 3.59
CA ASN B 173 -15.22 -8.85 4.17
C ASN B 173 -16.72 -9.14 3.90
N THR B 174 -17.57 -8.22 4.33
CA THR B 174 -19.01 -8.40 4.17
C THR B 174 -19.56 -7.99 2.81
N ASP B 175 -18.91 -7.03 2.16
CA ASP B 175 -19.38 -6.59 0.85
C ASP B 175 -19.07 -7.47 -0.33
N TRP B 176 -18.60 -8.67 -0.06
CA TRP B 176 -18.34 -9.61 -1.15
C TRP B 176 -19.38 -10.74 -1.08
N GLY B 177 -19.84 -11.18 -2.26
CA GLY B 177 -20.83 -12.26 -2.30
C GLY B 177 -22.07 -12.00 -1.46
N ASP B 178 -22.54 -13.07 -0.81
CA ASP B 178 -23.73 -13.01 0.01
C ASP B 178 -23.40 -12.63 1.47
N ASN B 179 -23.11 -11.35 1.69
CA ASN B 179 -22.74 -10.86 3.01
C ASN B 179 -21.45 -11.50 3.53
N GLY B 180 -20.57 -11.89 2.62
CA GLY B 180 -19.31 -12.51 2.99
C GLY B 180 -19.32 -14.03 2.95
N PHE B 181 -20.50 -14.59 2.74
CA PHE B 181 -20.66 -16.04 2.68
C PHE B 181 -20.92 -16.46 1.24
N PHE B 182 -20.92 -17.77 1.01
CA PHE B 182 -21.23 -18.29 -0.31
C PHE B 182 -21.59 -19.77 -0.24
N LYS B 183 -22.36 -20.20 -1.23
CA LYS B 183 -22.75 -21.59 -1.30
C LYS B 183 -22.01 -22.13 -2.51
N ILE B 184 -21.49 -23.34 -2.41
CA ILE B 184 -20.82 -23.97 -3.54
C ILE B 184 -21.30 -25.42 -3.67
N LEU B 185 -21.43 -25.90 -4.90
CA LEU B 185 -21.87 -27.26 -5.21
C LEU B 185 -21.35 -28.34 -4.23
N ARG B 186 -22.26 -29.20 -3.75
CA ARG B 186 -21.95 -30.28 -2.79
C ARG B 186 -22.11 -31.71 -3.31
N GLY B 187 -21.19 -32.57 -2.88
CA GLY B 187 -21.21 -33.98 -3.25
C GLY B 187 -20.40 -34.45 -4.46
N GLN B 188 -19.73 -33.54 -5.17
CA GLN B 188 -18.94 -33.96 -6.32
C GLN B 188 -17.45 -33.57 -6.19
N ASP B 189 -17.02 -33.20 -4.98
CA ASP B 189 -15.66 -32.73 -4.77
C ASP B 189 -15.43 -31.63 -5.82
N HIS B 190 -16.46 -30.79 -6.02
CA HIS B 190 -16.41 -29.71 -6.98
C HIS B 190 -15.30 -28.69 -6.64
N CYS B 191 -14.41 -28.49 -7.59
CA CYS B 191 -13.27 -27.60 -7.43
C CYS B 191 -12.44 -28.07 -6.24
N GLY B 192 -12.55 -29.36 -5.93
CA GLY B 192 -11.81 -29.97 -4.82
C GLY B 192 -12.22 -29.54 -3.40
N ILE B 193 -13.47 -29.15 -3.24
CA ILE B 193 -13.98 -28.66 -1.95
C ILE B 193 -14.06 -29.70 -0.82
N GLU B 194 -14.30 -30.96 -1.17
CA GLU B 194 -14.41 -32.05 -0.19
C GLU B 194 -13.11 -32.80 0.05
N SER B 195 -12.13 -32.50 -0.79
CA SER B 195 -10.86 -33.18 -0.76
C SER B 195 -9.81 -32.69 0.19
N GLU B 196 -9.94 -31.47 0.70
CA GLU B 196 -8.90 -30.96 1.61
C GLU B 196 -9.42 -30.47 2.97
N VAL B 197 -10.38 -31.17 3.57
CA VAL B 197 -10.97 -30.73 4.84
C VAL B 197 -10.20 -31.09 6.11
N VAL B 198 -9.99 -30.10 6.98
CA VAL B 198 -9.24 -30.36 8.20
C VAL B 198 -9.94 -29.76 9.43
N ALA B 199 -9.80 -30.41 10.58
CA ALA B 199 -10.41 -29.92 11.82
C ALA B 199 -9.75 -30.42 13.07
N GLY B 200 -10.26 -30.00 14.22
CA GLY B 200 -9.63 -30.42 15.46
C GLY B 200 -10.49 -30.11 16.67
N ILE B 201 -10.09 -30.71 17.78
CA ILE B 201 -10.87 -30.56 18.98
C ILE B 201 -10.17 -29.71 20.02
N PRO B 202 -10.87 -28.69 20.54
CA PRO B 202 -10.41 -27.74 21.55
C PRO B 202 -9.90 -28.47 22.77
N ARG B 203 -8.86 -27.95 23.39
CA ARG B 203 -8.32 -28.61 24.55
C ARG B 203 -9.25 -28.43 25.77
N THR B 204 -10.05 -27.37 25.79
CA THR B 204 -10.95 -27.08 26.93
C THR B 204 -11.70 -28.22 27.64
N ASP B 205 -12.36 -29.07 26.87
CA ASP B 205 -13.15 -30.21 27.38
C ASP B 205 -12.46 -31.08 28.42
N LEU C 1 16.91 11.19 14.99
CA LEU C 1 16.29 12.12 14.02
C LEU C 1 15.08 12.76 14.69
N PRO C 2 14.82 14.03 14.40
CA PRO C 2 13.67 14.71 15.03
C PRO C 2 12.31 14.19 14.56
N ALA C 3 11.28 14.57 15.32
CA ALA C 3 9.90 14.21 15.05
C ALA C 3 9.45 14.99 13.82
N SER C 4 10.02 16.19 13.65
CA SER C 4 9.71 17.04 12.52
C SER C 4 10.99 17.71 12.00
N PHE C 5 11.02 17.93 10.69
CA PHE C 5 12.18 18.56 10.08
C PHE C 5 11.71 19.36 8.89
N ASP C 6 12.15 20.60 8.80
CA ASP C 6 11.81 21.44 7.67
C ASP C 6 13.11 22.09 7.16
N ALA C 7 13.51 21.69 5.95
CA ALA C 7 14.72 22.20 5.29
C ALA C 7 14.74 23.73 5.22
N ARG C 8 13.57 24.33 5.05
CA ARG C 8 13.44 25.79 5.01
C ARG C 8 13.91 26.40 6.33
N GLU C 9 13.75 25.67 7.43
CA GLU C 9 14.17 26.17 8.74
C GLU C 9 15.63 25.88 9.07
N GLN C 10 16.09 24.71 8.66
CA GLN C 10 17.47 24.28 8.92
C GLN C 10 18.48 25.01 8.05
N TRP C 11 18.04 25.44 6.87
CA TRP C 11 18.92 26.16 5.95
C TRP C 11 18.33 27.50 5.48
N PRO C 12 18.14 28.46 6.41
CA PRO C 12 17.59 29.75 6.00
C PRO C 12 18.45 30.46 4.98
N GLN C 13 19.72 30.07 4.88
CA GLN C 13 20.66 30.72 3.96
C GLN C 13 20.58 30.26 2.51
N CYS C 14 19.72 29.29 2.24
CA CYS C 14 19.58 28.75 0.89
C CYS C 14 18.19 29.06 0.37
N PRO C 15 18.02 30.24 -0.26
CA PRO C 15 16.74 30.70 -0.82
C PRO C 15 15.94 29.74 -1.72
N THR C 16 16.61 28.84 -2.43
CA THR C 16 15.88 27.95 -3.34
C THR C 16 14.93 27.01 -2.64
N ILE C 17 15.25 26.65 -1.39
CA ILE C 17 14.46 25.74 -0.58
C ILE C 17 13.01 26.18 -0.44
N LYS C 18 12.79 27.49 -0.40
CA LYS C 18 11.45 28.05 -0.29
C LYS C 18 10.91 28.36 -1.69
N GLU C 19 11.79 28.36 -2.69
CA GLU C 19 11.34 28.69 -4.03
C GLU C 19 10.42 27.62 -4.61
N ILE C 20 9.27 28.07 -5.09
CA ILE C 20 8.27 27.21 -5.75
C ILE C 20 8.26 27.66 -7.23
N ARG C 21 8.47 26.72 -8.15
CA ARG C 21 8.48 27.00 -9.60
C ARG C 21 7.17 26.60 -10.26
N ASP C 22 7.12 26.79 -11.59
CA ASP C 22 5.95 26.43 -12.34
C ASP C 22 6.38 25.72 -13.62
N GLN C 23 6.03 24.44 -13.74
CA GLN C 23 6.41 23.68 -14.92
C GLN C 23 5.64 24.08 -16.16
N GLY C 24 4.60 24.89 -15.98
CA GLY C 24 3.79 25.34 -17.11
C GLY C 24 2.96 24.20 -17.65
N SER C 25 2.51 24.35 -18.90
CA SER C 25 1.72 23.33 -19.55
C SER C 25 2.69 22.40 -20.25
N CYS C 26 3.50 21.71 -19.46
CA CYS C 26 4.50 20.79 -19.96
C CYS C 26 4.57 19.68 -18.91
N GLY C 27 4.70 18.43 -19.34
CA GLY C 27 4.80 17.32 -18.39
C GLY C 27 6.27 17.15 -17.98
N SER C 28 6.87 18.22 -17.48
CA SER C 28 8.29 18.22 -17.09
C SER C 28 8.54 18.17 -15.58
N CYS C 29 7.69 17.48 -14.85
CA CYS C 29 7.88 17.39 -13.40
C CYS C 29 9.14 16.65 -12.98
N TRP C 30 9.56 15.70 -13.83
CA TRP C 30 10.76 14.90 -13.58
C TRP C 30 12.02 15.79 -13.49
N ALA C 31 12.07 16.81 -14.36
CA ALA C 31 13.18 17.76 -14.43
C ALA C 31 13.10 18.75 -13.30
N PHE C 32 11.89 19.24 -13.05
CA PHE C 32 11.64 20.18 -11.96
C PHE C 32 12.00 19.68 -10.58
N GLY C 33 11.59 18.47 -10.26
CA GLY C 33 11.92 17.94 -8.95
C GLY C 33 13.43 17.79 -8.80
N ALA C 34 14.15 17.54 -9.90
CA ALA C 34 15.61 17.38 -9.88
C ALA C 34 16.36 18.70 -9.69
N VAL C 35 16.10 19.66 -10.58
CA VAL C 35 16.75 20.98 -10.52
C VAL C 35 16.53 21.69 -9.21
N GLU C 36 15.33 21.57 -8.65
CA GLU C 36 15.05 22.23 -7.37
C GLU C 36 15.88 21.60 -6.22
N ALA C 37 15.93 20.27 -6.17
CA ALA C 37 16.70 19.61 -5.13
C ALA C 37 18.21 19.88 -5.33
N ILE C 38 18.62 19.90 -6.61
CA ILE C 38 20.01 20.15 -7.00
C ILE C 38 20.44 21.55 -6.57
N SER C 39 19.57 22.51 -6.83
CA SER C 39 19.81 23.89 -6.45
C SER C 39 19.96 23.92 -4.95
N ASP C 40 19.04 23.29 -4.24
CA ASP C 40 19.13 23.28 -2.78
C ASP C 40 20.45 22.70 -2.32
N ARG C 41 20.85 21.60 -2.97
CA ARG C 41 22.05 20.87 -2.60
C ARG C 41 23.37 21.53 -2.94
N ILE C 42 23.37 22.45 -3.89
CA ILE C 42 24.59 23.16 -4.24
C ILE C 42 24.83 24.08 -3.08
N CYS C 43 23.77 24.77 -2.67
CA CYS C 43 23.86 25.71 -1.57
C CYS C 43 24.15 25.09 -0.22
N ILE C 44 23.54 23.94 0.05
CA ILE C 44 23.75 23.26 1.34
C ILE C 44 25.21 22.76 1.47
N HIS C 45 25.78 22.34 0.34
CA HIS C 45 27.12 21.80 0.33
C HIS C 45 28.23 22.81 0.11
N THR C 46 27.94 24.07 0.45
CA THR C 46 28.80 25.26 0.30
C THR C 46 28.96 25.72 -1.15
N ASN C 47 28.27 26.80 -1.49
CA ASN C 47 28.32 27.40 -2.83
C ASN C 47 27.19 28.42 -2.96
N VAL D 1 22.99 34.07 -1.32
CA VAL D 1 22.23 33.81 -2.57
C VAL D 1 22.73 32.49 -3.12
N SER D 2 21.83 31.68 -3.66
CA SER D 2 22.20 30.38 -4.21
C SER D 2 21.91 30.30 -5.71
N VAL D 3 22.58 29.36 -6.38
CA VAL D 3 22.39 29.15 -7.81
C VAL D 3 21.03 28.51 -8.13
N GLU D 4 20.23 29.17 -8.97
CA GLU D 4 18.95 28.62 -9.38
C GLU D 4 19.30 27.80 -10.61
N VAL D 5 19.33 26.50 -10.45
CA VAL D 5 19.66 25.61 -11.55
C VAL D 5 18.57 25.57 -12.62
N SER D 6 18.98 25.71 -13.88
CA SER D 6 18.06 25.74 -14.98
C SER D 6 17.30 24.47 -15.26
N ALA D 7 15.98 24.59 -15.18
CA ALA D 7 15.11 23.46 -15.50
C ALA D 7 15.13 23.27 -17.02
N GLU D 8 15.15 24.38 -17.77
CA GLU D 8 15.15 24.39 -19.24
C GLU D 8 16.29 23.54 -19.81
N ASP D 9 17.50 23.77 -19.33
CA ASP D 9 18.69 23.06 -19.76
C ASP D 9 18.47 21.53 -19.78
N LEU D 10 18.03 21.00 -18.63
CA LEU D 10 17.78 19.57 -18.46
C LEU D 10 16.68 19.04 -19.38
N LEU D 11 15.51 19.70 -19.35
CA LEU D 11 14.37 19.36 -20.17
C LEU D 11 14.73 19.27 -21.65
N THR D 12 15.44 20.28 -22.12
CA THR D 12 15.80 20.38 -23.52
C THR D 12 17.07 19.65 -23.99
N CYS D 13 18.10 19.56 -23.15
CA CYS D 13 19.31 18.91 -23.62
C CYS D 13 19.59 17.45 -23.28
N CYS D 14 18.98 16.91 -22.23
CA CYS D 14 19.20 15.51 -21.87
C CYS D 14 18.83 14.52 -22.99
N GLY D 15 17.72 14.78 -23.65
CA GLY D 15 17.30 13.89 -24.72
C GLY D 15 16.80 12.55 -24.24
N SER D 16 16.70 11.60 -25.18
CA SER D 16 16.22 10.25 -24.94
C SER D 16 16.66 9.62 -23.60
N MET D 17 17.90 9.90 -23.18
CA MET D 17 18.41 9.37 -21.93
C MET D 17 17.47 9.61 -20.74
N CYS D 18 16.90 10.82 -20.67
CA CYS D 18 15.98 11.16 -19.59
C CYS D 18 14.52 10.90 -19.92
N GLY D 19 14.21 10.60 -21.18
CA GLY D 19 12.84 10.32 -21.52
C GLY D 19 12.28 11.02 -22.74
N ASP D 20 11.16 11.70 -22.54
CA ASP D 20 10.46 12.37 -23.62
C ASP D 20 10.22 13.85 -23.36
N GLY D 21 11.12 14.50 -22.63
CA GLY D 21 10.94 15.91 -22.36
C GLY D 21 9.64 16.27 -21.65
N CYS D 22 8.83 17.08 -22.30
CA CYS D 22 7.56 17.54 -21.78
C CYS D 22 6.51 16.41 -21.70
N ASN D 23 6.84 15.27 -22.27
CA ASN D 23 5.94 14.13 -22.25
C ASN D 23 6.36 13.14 -21.15
N GLY D 24 7.16 13.60 -20.19
CA GLY D 24 7.59 12.74 -19.12
C GLY D 24 8.99 12.23 -19.30
N GLY D 25 9.56 11.70 -18.21
CA GLY D 25 10.92 11.19 -18.24
C GLY D 25 11.31 10.49 -16.95
N TYR D 26 12.60 10.20 -16.79
CA TYR D 26 13.07 9.49 -15.60
C TYR D 26 13.89 10.33 -14.65
N PRO D 27 13.35 10.63 -13.46
CA PRO D 27 14.06 11.43 -12.48
C PRO D 27 15.50 11.00 -12.16
N ALA D 28 15.76 9.70 -12.15
CA ALA D 28 17.11 9.21 -11.85
C ALA D 28 18.12 9.59 -12.94
N GLU D 29 17.70 9.55 -14.21
CA GLU D 29 18.59 9.91 -15.30
C GLU D 29 18.85 11.41 -15.31
N ALA D 30 17.91 12.22 -14.85
CA ALA D 30 18.11 13.66 -14.77
C ALA D 30 19.31 13.89 -13.82
N TRP D 31 19.37 13.12 -12.74
CA TRP D 31 20.46 13.26 -11.79
C TRP D 31 21.76 12.73 -12.39
N ASN D 32 21.65 11.78 -13.32
CA ASN D 32 22.83 11.24 -13.95
C ASN D 32 23.30 12.23 -15.01
N PHE D 33 22.37 12.92 -15.65
CA PHE D 33 22.73 13.91 -16.66
C PHE D 33 23.51 15.05 -15.98
N TRP D 34 23.15 15.35 -14.74
CA TRP D 34 23.79 16.40 -13.94
C TRP D 34 25.24 16.07 -13.56
N THR D 35 25.49 14.79 -13.33
CA THR D 35 26.82 14.35 -12.93
C THR D 35 27.74 14.21 -14.15
N ARG D 36 27.16 13.94 -15.32
CA ARG D 36 27.96 13.81 -16.54
C ARG D 36 28.09 15.04 -17.44
N LYS D 37 26.99 15.72 -17.75
CA LYS D 37 27.02 16.91 -18.59
C LYS D 37 26.82 18.20 -17.84
N GLY D 38 26.37 18.10 -16.58
CA GLY D 38 26.11 19.27 -15.77
C GLY D 38 24.89 20.08 -16.19
N LEU D 39 24.58 21.10 -15.42
CA LEU D 39 23.44 22.00 -15.67
C LEU D 39 23.80 23.49 -15.41
N VAL D 40 23.34 24.39 -16.28
CA VAL D 40 23.60 25.83 -16.13
C VAL D 40 22.50 26.47 -15.28
N SER D 41 22.66 27.77 -14.99
CA SER D 41 21.69 28.54 -14.22
C SER D 41 20.54 28.96 -15.10
N GLY D 42 19.42 29.28 -14.48
CA GLY D 42 18.25 29.69 -15.23
C GLY D 42 17.08 29.82 -14.27
N GLY D 43 16.43 30.98 -14.27
CA GLY D 43 15.32 31.19 -13.39
C GLY D 43 13.95 31.02 -14.02
N LEU D 44 12.96 31.61 -13.36
CA LEU D 44 11.56 31.57 -13.76
C LEU D 44 11.35 32.21 -15.10
N TYR D 45 10.22 31.90 -15.72
CA TYR D 45 9.85 32.43 -17.02
C TYR D 45 9.93 33.97 -17.01
N GLU D 46 10.49 34.54 -18.08
CA GLU D 46 10.65 35.99 -18.23
C GLU D 46 11.45 36.71 -17.14
N SER D 47 12.19 35.97 -16.34
CA SER D 47 12.98 36.60 -15.30
C SER D 47 14.28 37.20 -15.80
N HIS D 48 14.82 36.62 -16.88
CA HIS D 48 16.11 37.07 -17.41
C HIS D 48 17.19 36.81 -16.36
N VAL D 49 16.96 35.80 -15.54
CA VAL D 49 17.88 35.39 -14.49
C VAL D 49 18.52 34.13 -14.99
N GLY D 50 19.85 34.09 -14.98
CA GLY D 50 20.57 32.91 -15.41
C GLY D 50 20.84 32.76 -16.90
N CYS D 51 21.64 31.75 -17.21
CA CYS D 51 22.00 31.44 -18.60
C CYS D 51 20.73 31.06 -19.33
N ARG D 52 19.98 30.11 -18.76
CA ARG D 52 18.75 29.64 -19.39
C ARG D 52 17.42 29.61 -18.57
N PRO D 53 16.69 30.73 -18.57
CA PRO D 53 15.40 30.82 -17.86
C PRO D 53 14.38 29.89 -18.52
N TYR D 54 13.39 29.45 -17.76
CA TYR D 54 12.34 28.56 -18.28
C TYR D 54 11.57 29.29 -19.40
N SER D 55 11.43 28.64 -20.54
CA SER D 55 10.77 29.27 -21.65
C SER D 55 9.26 29.12 -21.75
N ILE D 56 8.69 28.20 -20.98
CA ILE D 56 7.26 27.95 -21.05
C ILE D 56 6.51 28.85 -20.08
N PRO D 57 5.45 29.52 -20.55
CA PRO D 57 4.65 30.43 -19.71
C PRO D 57 3.97 29.78 -18.51
N PRO D 58 3.94 30.46 -17.35
CA PRO D 58 3.25 29.82 -16.23
C PRO D 58 1.74 29.84 -16.56
N CYS D 59 0.95 29.04 -15.85
CA CYS D 59 -0.49 28.94 -16.07
C CYS D 59 -1.18 28.33 -14.83
N GLU D 60 -2.49 28.52 -14.77
CA GLU D 60 -3.32 28.00 -13.68
C GLU D 60 -3.43 26.48 -13.73
N HIS D 61 -2.97 25.81 -12.66
CA HIS D 61 -3.03 24.35 -12.53
C HIS D 61 -4.18 23.90 -11.64
N HIS D 62 -5.23 23.36 -12.26
CA HIS D 62 -6.42 22.87 -11.57
C HIS D 62 -6.96 23.82 -10.49
N VAL D 63 -6.76 25.13 -10.72
CA VAL D 63 -7.20 26.19 -9.81
C VAL D 63 -7.61 27.37 -10.66
N ASN D 64 -8.09 28.43 -10.03
CA ASN D 64 -8.47 29.62 -10.78
C ASN D 64 -7.64 30.81 -10.31
N GLY D 65 -7.17 31.62 -11.26
CA GLY D 65 -6.35 32.77 -10.92
C GLY D 65 -6.14 33.71 -12.10
N SER D 66 -5.17 34.60 -11.98
CA SER D 66 -4.87 35.60 -13.01
C SER D 66 -4.26 35.13 -14.36
N ARG D 67 -3.58 33.98 -14.38
CA ARG D 67 -3.01 33.51 -15.65
C ARG D 67 -3.92 32.51 -16.31
N PRO D 68 -3.64 32.17 -17.56
CA PRO D 68 -4.51 31.19 -18.23
C PRO D 68 -4.33 29.79 -17.67
N PRO D 69 -5.39 28.96 -17.76
CA PRO D 69 -5.23 27.61 -17.24
C PRO D 69 -4.25 26.88 -18.14
N CYS D 70 -3.56 25.92 -17.55
CA CYS D 70 -2.61 25.14 -18.31
C CYS D 70 -3.41 24.31 -19.29
N THR D 71 -2.70 23.63 -20.18
CA THR D 71 -3.30 22.76 -21.19
C THR D 71 -2.59 21.40 -21.24
N GLY D 72 -2.36 20.83 -20.07
CA GLY D 72 -1.70 19.53 -20.01
C GLY D 72 -0.29 19.48 -20.56
N GLU D 73 -0.07 18.61 -21.53
CA GLU D 73 1.24 18.42 -22.16
C GLU D 73 1.48 19.38 -23.31
N GLY D 74 2.68 19.36 -23.86
CA GLY D 74 3.04 20.22 -24.97
C GLY D 74 4.41 19.90 -25.55
N ASP D 75 4.82 20.68 -26.54
CA ASP D 75 6.11 20.50 -27.20
C ASP D 75 7.32 20.87 -26.36
N THR D 76 8.33 20.00 -26.43
CA THR D 76 9.58 20.21 -25.70
C THR D 76 10.38 21.29 -26.42
N PRO D 77 10.81 22.32 -25.70
CA PRO D 77 11.60 23.35 -26.38
C PRO D 77 12.92 22.72 -26.83
N LYS D 78 13.53 23.31 -27.86
CA LYS D 78 14.82 22.82 -28.39
C LYS D 78 15.98 23.09 -27.43
N CYS D 79 17.03 22.31 -27.58
CA CYS D 79 18.25 22.46 -26.79
C CYS D 79 19.12 23.54 -27.42
N SER D 80 19.30 24.65 -26.73
CA SER D 80 20.14 25.72 -27.25
C SER D 80 21.28 25.89 -26.28
N LYS D 81 22.45 25.37 -26.65
CA LYS D 81 23.62 25.44 -25.78
C LYS D 81 24.30 26.80 -25.81
N ILE D 82 23.56 27.84 -25.42
CA ILE D 82 24.03 29.22 -25.42
C ILE D 82 23.22 29.98 -24.37
N CYS D 83 23.82 30.92 -23.67
CA CYS D 83 23.08 31.67 -22.66
C CYS D 83 22.19 32.73 -23.28
N GLU D 84 21.18 33.16 -22.55
CA GLU D 84 20.30 34.21 -23.05
C GLU D 84 21.14 35.50 -23.15
N PRO D 85 20.78 36.41 -24.07
CA PRO D 85 21.54 37.66 -24.21
C PRO D 85 21.59 38.37 -22.85
N GLY D 86 22.66 39.10 -22.58
CA GLY D 86 22.75 39.80 -21.32
C GLY D 86 23.47 39.01 -20.27
N TYR D 87 23.30 37.70 -20.25
CA TYR D 87 23.97 36.86 -19.27
C TYR D 87 25.42 36.46 -19.61
N SER D 88 26.28 36.42 -18.59
CA SER D 88 27.69 36.05 -18.75
C SER D 88 28.07 35.26 -17.49
N PRO D 89 29.02 34.30 -17.62
CA PRO D 89 29.78 33.89 -18.80
C PRO D 89 29.02 33.06 -19.84
N THR D 90 29.74 32.25 -20.59
CA THR D 90 29.11 31.44 -21.62
C THR D 90 28.47 30.17 -21.07
N TYR D 91 27.69 29.51 -21.91
CA TYR D 91 27.00 28.28 -21.54
C TYR D 91 27.95 27.23 -20.93
N LYS D 92 28.93 26.80 -21.72
CA LYS D 92 29.92 25.83 -21.26
C LYS D 92 30.51 26.20 -19.86
N GLN D 93 30.76 27.49 -19.65
CA GLN D 93 31.34 27.95 -18.38
C GLN D 93 30.35 27.97 -17.22
N ASP D 94 29.07 28.15 -17.54
CA ASP D 94 28.00 28.24 -16.55
C ASP D 94 27.47 26.88 -16.05
N LYS D 95 28.06 25.78 -16.53
CA LYS D 95 27.67 24.44 -16.14
C LYS D 95 28.06 24.10 -14.70
N HIS D 96 27.16 23.45 -13.98
CA HIS D 96 27.39 23.00 -12.58
C HIS D 96 27.19 21.48 -12.61
N TYR D 97 28.19 20.74 -12.14
CA TYR D 97 28.16 19.30 -12.17
C TYR D 97 27.94 18.64 -10.83
N GLY D 98 27.54 17.37 -10.90
CA GLY D 98 27.31 16.58 -9.72
C GLY D 98 28.45 15.59 -9.64
N TYR D 99 28.72 15.12 -8.43
CA TYR D 99 29.78 14.17 -8.18
C TYR D 99 29.29 12.75 -8.38
N ASN D 100 28.04 12.53 -8.00
CA ASN D 100 27.44 11.23 -8.15
C ASN D 100 25.93 11.38 -7.95
N SER D 101 25.22 10.30 -8.27
CA SER D 101 23.76 10.20 -8.16
C SER D 101 23.47 8.77 -7.67
N TYR D 102 22.34 8.60 -6.97
CA TYR D 102 21.99 7.31 -6.41
C TYR D 102 20.56 7.25 -5.92
N SER D 103 20.05 6.04 -5.78
CA SER D 103 18.71 5.81 -5.27
C SER D 103 18.77 5.70 -3.76
N VAL D 104 17.67 6.04 -3.10
CA VAL D 104 17.54 5.91 -1.67
C VAL D 104 16.62 4.71 -1.41
N SER D 105 16.97 3.88 -0.42
CA SER D 105 16.18 2.70 -0.12
C SER D 105 14.73 3.09 0.15
N ASN D 106 13.84 2.16 -0.09
CA ASN D 106 12.42 2.37 0.10
C ASN D 106 12.03 2.18 1.58
N SER D 107 12.65 2.91 2.49
CA SER D 107 12.28 2.85 3.90
C SER D 107 12.29 4.29 4.44
N GLU D 108 11.17 4.74 5.02
CA GLU D 108 11.06 6.12 5.50
C GLU D 108 12.24 6.53 6.37
N LYS D 109 12.82 5.55 7.07
CA LYS D 109 13.97 5.77 7.94
C LYS D 109 15.17 6.28 7.15
N ASP D 110 15.46 5.64 6.01
CA ASP D 110 16.60 6.03 5.18
C ASP D 110 16.38 7.35 4.45
N ILE D 111 15.15 7.57 4.04
CA ILE D 111 14.77 8.79 3.34
C ILE D 111 14.86 10.02 4.26
N MET D 112 14.52 9.86 5.53
CA MET D 112 14.62 10.94 6.53
C MET D 112 16.09 11.21 6.86
N ALA D 113 16.90 10.15 6.92
CA ALA D 113 18.33 10.31 7.21
C ALA D 113 19.05 11.04 6.07
N GLU D 114 18.64 10.77 4.85
CA GLU D 114 19.23 11.42 3.66
C GLU D 114 18.97 12.92 3.61
N ILE D 115 17.70 13.30 3.77
CA ILE D 115 17.29 14.71 3.76
C ILE D 115 17.94 15.48 4.92
N TYR D 116 17.91 14.88 6.10
CA TYR D 116 18.47 15.47 7.32
C TYR D 116 19.96 15.74 7.18
N LYS D 117 20.65 14.84 6.49
CA LYS D 117 22.10 14.97 6.32
C LYS D 117 22.58 15.71 5.05
N ASN D 118 21.89 15.47 3.92
CA ASN D 118 22.30 16.06 2.66
C ASN D 118 21.32 17.00 1.96
N GLY D 119 20.15 17.22 2.55
CA GLY D 119 19.21 18.14 1.95
C GLY D 119 18.06 17.52 1.21
N PRO D 120 17.18 18.36 0.63
CA PRO D 120 15.99 17.93 -0.13
C PRO D 120 16.35 16.90 -1.21
N VAL D 121 15.38 16.02 -1.46
CA VAL D 121 15.51 14.95 -2.42
C VAL D 121 14.35 15.03 -3.39
N GLU D 122 14.38 14.16 -4.39
CA GLU D 122 13.32 14.09 -5.36
C GLU D 122 12.75 12.69 -5.26
N GLY D 123 11.44 12.59 -5.46
CA GLY D 123 10.76 11.31 -5.40
C GLY D 123 9.61 11.40 -6.37
N ALA D 124 8.81 10.35 -6.45
CA ALA D 124 7.64 10.30 -7.34
C ALA D 124 6.51 9.48 -6.69
N PHE D 125 5.28 9.79 -7.08
CA PHE D 125 4.11 9.09 -6.52
C PHE D 125 2.98 9.10 -7.51
N SER D 126 2.07 8.13 -7.38
CA SER D 126 0.88 8.03 -8.24
C SER D 126 -0.12 9.13 -7.91
N VAL D 127 -0.47 9.93 -8.90
CA VAL D 127 -1.43 11.00 -8.72
C VAL D 127 -2.88 10.56 -9.02
N TYR D 128 -3.75 10.73 -8.02
CA TYR D 128 -5.18 10.44 -8.18
C TYR D 128 -5.86 11.77 -8.31
N SER D 129 -7.09 11.77 -8.82
CA SER D 129 -7.82 13.00 -9.03
C SER D 129 -8.12 13.81 -7.78
N ASP D 130 -8.22 13.16 -6.63
CA ASP D 130 -8.51 13.91 -5.41
C ASP D 130 -7.34 14.72 -4.87
N PHE D 131 -6.15 14.53 -5.43
CA PHE D 131 -4.98 15.27 -5.02
C PHE D 131 -5.03 16.69 -5.58
N LEU D 132 -5.72 16.85 -6.71
CA LEU D 132 -5.82 18.14 -7.39
C LEU D 132 -6.38 19.27 -6.57
N LEU D 133 -7.37 18.94 -5.75
CA LEU D 133 -8.04 19.93 -4.90
C LEU D 133 -7.38 20.15 -3.54
N TYR D 134 -6.24 19.52 -3.30
CA TYR D 134 -5.54 19.65 -2.03
C TYR D 134 -5.46 21.11 -1.58
N LYS D 135 -5.77 21.37 -0.31
CA LYS D 135 -5.72 22.72 0.26
C LYS D 135 -4.70 22.79 1.37
N SER D 136 -4.80 21.91 2.36
CA SER D 136 -3.88 21.92 3.49
C SER D 136 -4.03 20.60 4.22
N GLY D 137 -3.33 20.45 5.34
CA GLY D 137 -3.38 19.23 6.13
C GLY D 137 -2.60 18.11 5.47
N VAL D 138 -2.75 16.90 5.98
CA VAL D 138 -2.06 15.72 5.47
C VAL D 138 -2.93 14.97 4.45
N TYR D 139 -2.52 14.98 3.20
CA TYR D 139 -3.25 14.30 2.15
C TYR D 139 -3.04 12.79 2.17
N GLN D 140 -4.13 12.08 1.98
CA GLN D 140 -4.12 10.65 1.83
C GLN D 140 -5.27 10.36 0.90
N HIS D 141 -4.94 9.60 -0.12
CA HIS D 141 -5.87 9.20 -1.16
C HIS D 141 -7.08 8.41 -0.67
N VAL D 142 -8.26 8.88 -1.02
CA VAL D 142 -9.53 8.24 -0.70
C VAL D 142 -10.32 7.93 -2.01
N THR D 143 -10.57 8.95 -2.82
CA THR D 143 -11.31 8.72 -4.08
C THR D 143 -10.58 9.31 -5.26
N GLY D 144 -11.06 9.00 -6.46
CA GLY D 144 -10.44 9.54 -7.64
C GLY D 144 -9.60 8.58 -8.42
N GLU D 145 -9.58 8.84 -9.73
CA GLU D 145 -8.86 8.07 -10.73
C GLU D 145 -7.34 8.21 -10.73
N MET D 146 -6.69 7.16 -11.23
CA MET D 146 -5.25 7.12 -11.38
C MET D 146 -4.96 7.97 -12.60
N MET D 147 -4.21 9.05 -12.38
CA MET D 147 -3.85 9.99 -13.44
C MET D 147 -2.42 9.93 -13.96
N GLY D 148 -1.51 9.35 -13.19
CA GLY D 148 -0.13 9.27 -13.65
C GLY D 148 0.86 9.44 -12.52
N GLY D 149 2.15 9.34 -12.84
CA GLY D 149 3.18 9.52 -11.83
C GLY D 149 3.52 10.99 -11.75
N HIS D 150 3.89 11.47 -10.58
CA HIS D 150 4.24 12.88 -10.46
C HIS D 150 5.55 12.94 -9.69
N ALA D 151 6.54 13.66 -10.23
CA ALA D 151 7.83 13.80 -9.54
C ALA D 151 7.77 15.12 -8.80
N ILE D 152 8.36 15.16 -7.62
CA ILE D 152 8.33 16.36 -6.81
C ILE D 152 9.60 16.48 -5.96
N ARG D 153 9.59 17.36 -4.96
CA ARG D 153 10.75 17.56 -4.08
C ARG D 153 10.36 17.45 -2.60
N ILE D 154 10.86 16.42 -1.93
CA ILE D 154 10.60 16.22 -0.50
C ILE D 154 11.69 16.99 0.24
N LEU D 155 11.29 17.82 1.21
CA LEU D 155 12.24 18.64 1.98
C LEU D 155 11.97 18.62 3.48
N GLY D 156 11.29 17.60 3.96
CA GLY D 156 10.99 17.52 5.38
C GLY D 156 9.94 16.50 5.75
N TRP D 157 9.51 16.55 7.00
CA TRP D 157 8.53 15.58 7.49
C TRP D 157 7.94 16.12 8.81
N GLY D 158 7.02 15.37 9.39
CA GLY D 158 6.42 15.78 10.65
C GLY D 158 5.18 14.99 10.96
N VAL D 159 4.51 15.37 12.04
CA VAL D 159 3.28 14.70 12.43
C VAL D 159 2.23 15.76 12.70
N GLU D 160 1.03 15.54 12.17
CA GLU D 160 -0.08 16.45 12.32
C GLU D 160 -1.28 15.64 12.80
N ASN D 161 -1.61 15.82 14.08
CA ASN D 161 -2.70 15.13 14.77
C ASN D 161 -2.49 13.62 14.65
N GLY D 162 -1.34 13.16 15.09
CA GLY D 162 -1.04 11.75 15.03
C GLY D 162 -0.62 11.32 13.65
N THR D 163 -1.03 12.06 12.64
CA THR D 163 -0.72 11.76 11.24
C THR D 163 0.71 12.05 10.78
N PRO D 164 1.50 11.01 10.53
CA PRO D 164 2.89 11.23 10.07
C PRO D 164 2.85 11.65 8.57
N TYR D 165 3.65 12.67 8.21
CA TYR D 165 3.68 13.16 6.83
C TYR D 165 5.07 13.51 6.26
N TRP D 166 5.06 13.77 4.95
CA TRP D 166 6.23 14.21 4.21
C TRP D 166 5.90 15.60 3.76
N LEU D 167 6.82 16.53 3.96
CA LEU D 167 6.61 17.90 3.51
C LEU D 167 7.18 17.92 2.09
N VAL D 168 6.35 18.22 1.10
CA VAL D 168 6.80 18.22 -0.30
C VAL D 168 6.53 19.53 -1.01
N ALA D 169 7.31 19.79 -2.05
CA ALA D 169 7.14 20.98 -2.87
C ALA D 169 6.68 20.58 -4.26
N ASN D 170 5.60 21.19 -4.73
CA ASN D 170 5.06 20.91 -6.05
C ASN D 170 5.48 22.04 -7.03
N SER D 171 5.41 21.78 -8.31
CA SER D 171 5.78 22.75 -9.33
C SER D 171 4.55 23.32 -10.07
N TRP D 172 3.48 23.59 -9.33
CA TRP D 172 2.23 24.10 -9.92
C TRP D 172 1.94 25.54 -9.49
N ASN D 173 3.02 26.26 -9.20
CA ASN D 173 3.00 27.64 -8.74
C ASN D 173 2.59 27.78 -7.27
N THR D 174 2.61 29.00 -6.77
CA THR D 174 2.28 29.26 -5.38
C THR D 174 0.78 29.36 -5.16
N ASP D 175 -0.02 29.33 -6.23
CA ASP D 175 -1.44 29.43 -5.99
C ASP D 175 -2.17 28.13 -5.79
N TRP D 176 -1.46 27.02 -5.98
CA TRP D 176 -2.03 25.68 -5.78
C TRP D 176 -1.61 25.17 -4.40
N GLY D 177 -2.43 24.31 -3.82
CA GLY D 177 -2.13 23.72 -2.51
C GLY D 177 -1.89 24.69 -1.38
N ASP D 178 -0.95 24.34 -0.50
CA ASP D 178 -0.59 25.17 0.65
C ASP D 178 0.58 26.07 0.27
N ASN D 179 0.30 27.03 -0.61
CA ASN D 179 1.30 27.97 -1.14
C ASN D 179 2.29 27.27 -2.07
N GLY D 180 1.83 26.21 -2.71
CA GLY D 180 2.62 25.41 -3.62
C GLY D 180 3.15 24.12 -2.99
N PHE D 181 3.09 24.07 -1.67
CA PHE D 181 3.56 22.93 -0.88
C PHE D 181 2.38 22.08 -0.38
N PHE D 182 2.65 20.84 -0.03
CA PHE D 182 1.63 19.94 0.48
C PHE D 182 2.26 18.89 1.36
N LYS D 183 1.42 18.17 2.09
CA LYS D 183 1.89 17.12 3.01
C LYS D 183 1.19 15.85 2.64
N ILE D 184 1.94 14.77 2.62
CA ILE D 184 1.37 13.48 2.27
C ILE D 184 1.78 12.46 3.33
N LEU D 185 0.90 11.50 3.55
CA LEU D 185 1.09 10.43 4.52
C LEU D 185 2.46 9.77 4.41
N ARG D 186 3.16 9.68 5.54
CA ARG D 186 4.49 9.07 5.64
C ARG D 186 4.40 7.78 6.42
N GLY D 187 5.27 6.82 6.09
CA GLY D 187 5.29 5.54 6.80
C GLY D 187 4.74 4.28 6.14
N GLN D 188 3.88 4.41 5.12
CA GLN D 188 3.30 3.25 4.45
C GLN D 188 3.41 3.28 2.92
N ASP D 189 4.46 3.94 2.42
CA ASP D 189 4.72 4.12 0.98
C ASP D 189 3.45 4.55 0.26
N HIS D 190 2.78 5.54 0.85
CA HIS D 190 1.54 6.02 0.29
C HIS D 190 1.70 6.55 -1.14
N CYS D 191 0.92 5.97 -2.06
CA CYS D 191 0.97 6.32 -3.49
C CYS D 191 2.40 6.18 -4.06
N GLY D 192 3.20 5.26 -3.52
CA GLY D 192 4.54 5.04 -4.01
C GLY D 192 5.55 6.16 -3.71
N ILE D 193 5.18 7.05 -2.79
CA ILE D 193 6.03 8.19 -2.42
C ILE D 193 7.40 7.78 -1.93
N GLU D 194 7.46 6.70 -1.15
CA GLU D 194 8.73 6.24 -0.60
C GLU D 194 9.53 5.27 -1.51
N SER D 195 9.00 5.00 -2.71
CA SER D 195 9.63 4.04 -3.60
C SER D 195 10.63 4.51 -4.66
N GLU D 196 10.65 5.79 -5.00
CA GLU D 196 11.57 6.28 -6.03
C GLU D 196 12.33 7.55 -5.66
N VAL D 197 12.80 7.62 -4.42
CA VAL D 197 13.55 8.77 -3.99
C VAL D 197 14.92 8.67 -4.63
N VAL D 198 15.34 9.75 -5.28
CA VAL D 198 16.61 9.80 -5.95
C VAL D 198 17.34 11.08 -5.49
N ALA D 199 18.66 11.05 -5.50
CA ALA D 199 19.43 12.21 -5.08
C ALA D 199 20.85 12.10 -5.59
N GLY D 200 21.74 12.88 -4.99
CA GLY D 200 23.15 12.88 -5.36
C GLY D 200 23.84 14.08 -4.74
N ILE D 201 25.17 14.06 -4.79
CA ILE D 201 26.01 15.10 -4.20
C ILE D 201 26.65 16.02 -5.27
N PRO D 202 26.59 17.35 -5.05
CA PRO D 202 27.16 18.36 -5.96
C PRO D 202 28.68 18.35 -5.97
N ARG D 203 29.27 19.06 -6.93
CA ARG D 203 30.73 19.14 -7.03
C ARG D 203 31.34 20.35 -6.32
N THR D 204 32.39 20.13 -5.56
CA THR D 204 33.06 21.22 -4.85
C THR D 204 34.57 21.16 -5.10
N ASP D 205 35.19 22.32 -5.18
CA ASP D 205 36.63 22.42 -5.40
C ASP D 205 37.26 23.22 -4.25
O1 EP0 E . -2.50 -20.07 1.36
C1 EP0 E . -3.42 -20.09 0.50
C2 EP0 E . -3.85 -18.84 -0.29
O2 EP0 E . -2.69 -18.05 -0.63
C3 EP0 E . -4.86 -17.98 0.57
C4 EP0 E . -5.17 -16.62 -0.10
O4 EP0 E . -5.24 -15.62 0.60
C5 EP0 E . -3.60 -22.53 0.09
C6 EP0 E . -4.38 -23.50 0.98
O5 EP0 E . -4.17 -21.21 0.17
N EP0 E . -5.36 -16.62 -1.41
CA EP0 E . -5.59 -15.39 -2.21
C EP0 E . -6.71 -14.37 -1.87
O EP0 E . -7.82 -14.75 -1.49
CB EP0 E . -5.73 -15.73 -3.74
CG1 EP0 E . -7.04 -16.51 -3.99
CG2 EP0 E . -4.51 -16.53 -4.24
CD1 EP0 E . -7.35 -16.69 -5.46
N2 EP0 E . -6.39 -13.06 -1.97
CA1 EP0 E . -7.29 -11.93 -1.71
C7 EP0 E . -8.04 -11.56 -3.02
O3 EP0 E . -7.67 -12.11 -4.09
CB1 EP0 E . -6.34 -10.79 -1.32
CG3 EP0 E . -5.06 -11.50 -0.91
CD3 EP0 E . -4.98 -12.60 -1.95
OXT EP0 E . -8.95 -10.70 -3.00
O1 EP0 F . 7.36 12.65 -16.09
C1 EP0 F . 6.69 12.74 -15.06
C2 EP0 F . 5.33 13.44 -15.03
O2 EP0 F . 4.76 13.46 -16.34
C3 EP0 F . 5.56 14.87 -14.51
C4 EP0 F . 4.37 15.78 -14.77
O4 EP0 F . 4.56 16.96 -15.01
C5 EP0 F . 6.73 11.08 -13.22
C6 EP0 F . 7.56 10.84 -11.97
O5 EP0 F . 7.09 12.36 -13.79
N EP0 F . 3.16 15.26 -14.64
CA EP0 F . 1.94 16.02 -14.96
C EP0 F . 1.70 17.42 -14.34
O EP0 F . 2.06 17.67 -13.20
CB EP0 F . 0.67 15.18 -14.73
CG1 EP0 F . 0.41 14.99 -13.24
CG2 EP0 F . 0.80 13.85 -15.44
CD1 EP0 F . -1.06 14.78 -12.88
N2 EP0 F . 1.12 18.35 -15.14
CA1 EP0 F . 0.80 19.72 -14.75
C7 EP0 F . -0.63 19.79 -14.20
O3 EP0 F . -1.41 18.84 -14.44
CB1 EP0 F . 0.93 20.49 -16.07
CG3 EP0 F . 0.40 19.54 -17.06
CD3 EP0 F . 0.99 18.19 -16.60
OXT EP0 F . -0.97 20.80 -13.55
#